data_2MGO
#
_entry.id   2MGO
#
_entity_poly.entity_id   1
_entity_poly.type   'polypeptide(L)'
_entity_poly.pdbx_seq_one_letter_code
;CYIQNCPLG
;
_entity_poly.pdbx_strand_id   A
#
# COMPACT_ATOMS: atom_id res chain seq x y z
N CYS A 1 0.45 -2.68 -5.37
CA CYS A 1 0.95 -2.05 -4.16
C CYS A 1 2.01 -1.03 -4.49
N TYR A 2 2.53 -0.41 -3.45
CA TYR A 2 3.55 0.55 -3.52
C TYR A 2 4.11 0.56 -2.12
N ILE A 3 5.31 1.05 -1.99
CA ILE A 3 6.09 1.10 -0.72
C ILE A 3 5.23 1.52 0.46
N GLN A 4 4.58 2.59 0.28
CA GLN A 4 3.73 3.17 1.32
C GLN A 4 2.24 3.12 0.94
N ASN A 5 1.85 2.12 0.16
CA ASN A 5 0.47 1.96 -0.28
C ASN A 5 0.24 0.57 -0.81
N CYS A 6 0.12 -0.35 0.08
CA CYS A 6 -0.19 -1.69 -0.29
C CYS A 6 -1.51 -2.11 0.34
N PRO A 7 -2.57 -2.29 -0.48
CA PRO A 7 -3.85 -2.76 0.02
C PRO A 7 -3.70 -4.11 0.71
N LEU A 8 -3.93 -4.12 2.00
CA LEU A 8 -3.72 -5.33 2.79
C LEU A 8 -5.00 -6.12 2.92
N GLY A 9 -5.99 -5.58 2.36
CA GLY A 9 -7.28 -6.15 2.34
C GLY A 9 -8.20 -5.25 1.60
N CYS A 1 0.79 -3.11 -5.40
CA CYS A 1 1.39 -1.80 -5.23
C CYS A 1 2.68 -1.96 -4.46
N TYR A 2 3.61 -1.06 -4.63
CA TYR A 2 4.84 -1.13 -3.90
C TYR A 2 5.18 0.25 -3.37
N ILE A 3 4.38 0.68 -2.43
CA ILE A 3 4.52 1.92 -1.74
C ILE A 3 4.08 1.67 -0.33
N GLN A 4 4.20 2.63 0.54
CA GLN A 4 3.85 2.42 1.94
C GLN A 4 2.35 2.67 2.16
N ASN A 5 1.73 3.15 1.13
CA ASN A 5 0.30 3.50 1.15
C ASN A 5 -0.56 2.29 0.83
N CYS A 6 0.04 1.15 0.82
CA CYS A 6 -0.65 -0.08 0.58
C CYS A 6 -1.34 -0.51 1.88
N PRO A 7 -2.66 -0.78 1.84
CA PRO A 7 -3.43 -1.12 3.03
C PRO A 7 -2.99 -2.42 3.67
N LEU A 8 -3.11 -2.50 4.99
CA LEU A 8 -2.73 -3.69 5.74
C LEU A 8 -3.91 -4.63 5.88
N GLY A 9 -4.94 -4.24 5.27
CA GLY A 9 -6.16 -4.96 5.21
C GLY A 9 -7.13 -4.19 4.38
N CYS A 1 1.30 -3.28 -3.66
CA CYS A 1 1.60 -2.03 -4.33
C CYS A 1 3.09 -1.72 -4.18
N TYR A 2 3.58 -0.68 -4.87
CA TYR A 2 5.00 -0.31 -4.79
C TYR A 2 5.28 0.61 -3.60
N ILE A 3 4.25 0.98 -2.91
CA ILE A 3 4.31 1.86 -1.78
C ILE A 3 3.45 1.29 -0.68
N GLN A 4 3.83 1.55 0.53
CA GLN A 4 3.12 1.07 1.72
C GLN A 4 1.97 1.99 2.09
N ASN A 5 1.78 2.96 1.27
CA ASN A 5 0.72 3.91 1.40
C ASN A 5 0.03 3.94 0.08
N CYS A 6 -0.48 2.81 -0.26
CA CYS A 6 -1.18 2.60 -1.49
C CYS A 6 -2.61 3.11 -1.35
N PRO A 7 -2.97 4.19 -2.09
CA PRO A 7 -4.31 4.75 -2.03
C PRO A 7 -5.36 3.76 -2.54
N LEU A 8 -6.38 3.52 -1.75
CA LEU A 8 -7.44 2.58 -2.13
C LEU A 8 -8.80 3.22 -2.03
N GLY A 9 -8.78 4.43 -1.69
CA GLY A 9 -9.97 5.18 -1.47
C GLY A 9 -9.83 6.57 -2.00
N CYS A 1 1.04 -3.26 -5.12
CA CYS A 1 1.01 -2.11 -4.22
C CYS A 1 2.25 -1.28 -4.42
N TYR A 2 2.30 -0.16 -3.72
CA TYR A 2 3.43 0.70 -3.75
C TYR A 2 4.17 0.42 -2.47
N ILE A 3 5.03 1.29 -2.11
CA ILE A 3 5.88 1.09 -0.95
C ILE A 3 5.11 1.28 0.34
N GLN A 4 4.53 2.38 0.45
CA GLN A 4 3.79 2.75 1.64
C GLN A 4 2.32 3.01 1.30
N ASN A 5 1.88 2.36 0.24
CA ASN A 5 0.53 2.51 -0.23
C ASN A 5 0.04 1.18 -0.70
N CYS A 6 -0.20 0.36 0.24
CA CYS A 6 -0.81 -0.93 0.04
C CYS A 6 -1.99 -0.98 1.00
N PRO A 7 -3.20 -1.25 0.50
CA PRO A 7 -4.42 -1.22 1.31
C PRO A 7 -4.35 -2.11 2.56
N LEU A 8 -4.73 -1.55 3.70
CA LEU A 8 -4.77 -2.30 4.97
C LEU A 8 -6.13 -2.94 5.13
N GLY A 9 -6.88 -2.69 4.16
CA GLY A 9 -8.19 -3.17 4.03
C GLY A 9 -8.68 -2.67 2.74
N CYS A 1 1.18 -3.37 -5.51
CA CYS A 1 1.56 -2.02 -5.14
C CYS A 1 2.88 -2.05 -4.40
N TYR A 2 3.71 -1.05 -4.61
CA TYR A 2 5.02 -0.99 -3.97
C TYR A 2 5.14 0.22 -3.07
N ILE A 3 4.03 0.85 -2.80
CA ILE A 3 3.99 2.01 -1.97
C ILE A 3 3.50 1.61 -0.60
N GLN A 4 4.09 2.19 0.38
CA GLN A 4 3.78 1.89 1.79
C GLN A 4 2.54 2.62 2.30
N ASN A 5 1.84 3.21 1.39
CA ASN A 5 0.56 3.83 1.67
C ASN A 5 -0.48 3.17 0.80
N CYS A 6 -0.21 1.92 0.46
CA CYS A 6 -1.09 1.13 -0.37
C CYS A 6 -2.38 0.82 0.39
N PRO A 7 -3.55 1.10 -0.20
CA PRO A 7 -4.82 0.77 0.41
C PRO A 7 -4.98 -0.72 0.54
N LEU A 8 -4.79 -1.22 1.73
CA LEU A 8 -4.89 -2.64 1.99
C LEU A 8 -6.17 -2.95 2.71
N GLY A 9 -6.86 -1.93 2.98
CA GLY A 9 -8.11 -1.98 3.63
C GLY A 9 -8.35 -0.68 4.34
N CYS A 1 0.98 -3.35 -5.43
CA CYS A 1 1.53 -2.00 -5.34
C CYS A 1 2.75 -2.00 -4.44
N TYR A 2 3.72 -1.19 -4.79
CA TYR A 2 4.90 -1.04 -3.97
C TYR A 2 4.99 0.39 -3.47
N ILE A 3 4.20 0.67 -2.49
CA ILE A 3 4.19 1.92 -1.79
C ILE A 3 3.85 1.61 -0.38
N GLN A 4 4.14 2.51 0.51
CA GLN A 4 3.90 2.27 1.93
C GLN A 4 2.51 2.71 2.31
N ASN A 5 1.79 3.18 1.33
CA ASN A 5 0.44 3.66 1.52
C ASN A 5 -0.55 2.80 0.77
N CYS A 6 -0.21 1.54 0.63
CA CYS A 6 -1.12 0.56 0.03
C CYS A 6 -2.25 0.24 1.00
N PRO A 7 -3.47 -0.07 0.49
CA PRO A 7 -4.57 -0.53 1.33
C PRO A 7 -4.17 -1.84 2.04
N LEU A 8 -3.97 -1.76 3.32
CA LEU A 8 -3.49 -2.89 4.09
C LEU A 8 -4.34 -3.10 5.32
N GLY A 9 -5.50 -2.63 5.23
CA GLY A 9 -6.45 -2.71 6.27
C GLY A 9 -7.78 -2.26 5.77
N CYS A 1 0.88 -2.87 -5.56
CA CYS A 1 1.37 -1.70 -4.83
C CYS A 1 2.76 -1.98 -4.28
N TYR A 2 3.65 -0.99 -4.36
CA TYR A 2 4.97 -1.14 -3.82
C TYR A 2 5.33 0.04 -2.93
N ILE A 3 4.39 0.92 -2.73
CA ILE A 3 4.57 2.06 -1.89
C ILE A 3 3.94 1.67 -0.57
N GLN A 4 4.19 2.41 0.42
CA GLN A 4 3.76 2.12 1.79
C GLN A 4 2.42 2.78 2.09
N ASN A 5 1.59 2.88 1.08
CA ASN A 5 0.27 3.47 1.20
C ASN A 5 -0.76 2.50 0.64
N CYS A 6 -0.35 1.24 0.50
CA CYS A 6 -1.18 0.21 -0.08
C CYS A 6 -0.54 -1.16 0.14
N PRO A 7 -1.23 -2.06 0.85
CA PRO A 7 -0.70 -3.37 1.15
C PRO A 7 -0.87 -4.38 0.01
N LEU A 8 -0.26 -5.53 0.15
CA LEU A 8 -0.37 -6.61 -0.83
C LEU A 8 -1.29 -7.68 -0.32
N GLY A 9 -1.74 -7.46 0.84
CA GLY A 9 -2.60 -8.37 1.51
C GLY A 9 -2.27 -8.37 2.95
N CYS A 1 1.42 -3.19 -5.22
CA CYS A 1 1.14 -2.03 -4.40
C CYS A 1 2.39 -1.19 -4.28
N TYR A 2 2.25 0.06 -3.90
CA TYR A 2 3.33 0.91 -3.72
C TYR A 2 3.76 0.71 -2.31
N ILE A 3 4.99 0.84 -2.09
CA ILE A 3 5.67 0.56 -0.79
C ILE A 3 4.98 1.22 0.39
N GLN A 4 4.58 2.39 0.18
CA GLN A 4 3.95 3.19 1.22
C GLN A 4 2.43 3.18 1.08
N ASN A 5 1.93 2.34 0.22
CA ASN A 5 0.49 2.28 -0.05
C ASN A 5 0.00 0.84 -0.06
N CYS A 6 0.74 -0.05 0.56
CA CYS A 6 0.29 -1.43 0.68
C CYS A 6 -0.52 -1.55 1.96
N PRO A 7 -1.84 -1.73 1.88
CA PRO A 7 -2.69 -1.80 3.05
C PRO A 7 -2.51 -3.13 3.79
N LEU A 8 -2.34 -3.05 5.09
CA LEU A 8 -2.19 -4.25 5.93
C LEU A 8 -3.54 -4.74 6.38
N GLY A 9 -4.50 -3.99 6.02
CA GLY A 9 -5.87 -4.26 6.31
C GLY A 9 -6.72 -3.35 5.49
N CYS A 1 1.42 -3.05 -5.87
CA CYS A 1 1.29 -2.22 -4.68
C CYS A 1 2.42 -1.20 -4.70
N TYR A 2 2.33 -0.21 -3.85
CA TYR A 2 3.31 0.80 -3.70
C TYR A 2 3.64 0.70 -2.26
N ILE A 3 4.87 0.61 -1.95
CA ILE A 3 5.35 0.35 -0.56
C ILE A 3 4.76 1.33 0.45
N GLN A 4 4.61 2.51 0.01
CA GLN A 4 4.05 3.59 0.83
C GLN A 4 2.54 3.49 0.99
N ASN A 5 1.97 2.46 0.42
CA ASN A 5 0.52 2.22 0.46
C ASN A 5 0.25 0.73 0.71
N CYS A 6 1.26 0.00 1.07
CA CYS A 6 1.10 -1.40 1.34
C CYS A 6 0.76 -1.62 2.81
N PRO A 7 -0.35 -2.31 3.11
CA PRO A 7 -0.71 -2.65 4.48
C PRO A 7 0.25 -3.69 5.03
N LEU A 8 0.98 -3.33 6.05
CA LEU A 8 1.96 -4.22 6.63
C LEU A 8 1.43 -4.87 7.90
N GLY A 9 0.24 -4.53 8.15
CA GLY A 9 -0.46 -4.99 9.28
C GLY A 9 -1.53 -4.03 9.58
N CYS A 1 0.93 -3.13 -5.49
CA CYS A 1 1.47 -1.84 -5.08
C CYS A 1 2.83 -2.06 -4.44
N TYR A 2 3.67 -1.04 -4.47
CA TYR A 2 4.98 -1.13 -3.86
C TYR A 2 5.23 0.09 -2.96
N ILE A 3 4.19 0.87 -2.75
CA ILE A 3 4.27 2.03 -1.91
C ILE A 3 3.87 1.63 -0.53
N GLN A 4 4.14 2.47 0.40
CA GLN A 4 3.87 2.18 1.81
C GLN A 4 2.49 2.65 2.23
N ASN A 5 1.66 2.99 1.28
CA ASN A 5 0.32 3.44 1.56
C ASN A 5 -0.60 2.98 0.46
N CYS A 6 -0.79 1.71 0.43
CA CYS A 6 -1.68 1.07 -0.53
C CYS A 6 -3.14 1.27 -0.13
N PRO A 7 -3.94 1.91 -1.00
CA PRO A 7 -5.37 2.09 -0.77
C PRO A 7 -6.08 0.74 -0.61
N LEU A 8 -6.75 0.58 0.50
CA LEU A 8 -7.48 -0.66 0.80
C LEU A 8 -8.93 -0.52 0.43
N GLY A 9 -9.18 0.53 -0.23
CA GLY A 9 -10.48 0.86 -0.72
C GLY A 9 -10.39 2.15 -1.46
N CYS A 1 1.10 -2.92 -3.84
CA CYS A 1 1.64 -1.63 -4.21
C CYS A 1 3.16 -1.70 -4.17
N TYR A 2 3.83 -0.70 -4.72
CA TYR A 2 5.29 -0.60 -4.56
C TYR A 2 5.59 0.37 -3.44
N ILE A 3 4.56 1.01 -3.00
CA ILE A 3 4.56 1.88 -1.89
C ILE A 3 3.83 1.16 -0.78
N GLN A 4 3.69 1.76 0.33
CA GLN A 4 3.02 1.12 1.44
C GLN A 4 1.86 1.99 1.93
N ASN A 5 1.49 2.96 1.13
CA ASN A 5 0.43 3.88 1.48
C ASN A 5 -0.75 3.59 0.57
N CYS A 6 -1.05 2.31 0.49
CA CYS A 6 -2.13 1.79 -0.34
C CYS A 6 -3.49 2.30 0.15
N PRO A 7 -4.22 3.06 -0.68
CA PRO A 7 -5.54 3.56 -0.31
C PRO A 7 -6.55 2.41 -0.30
N LEU A 8 -7.09 2.13 0.87
CA LEU A 8 -7.99 0.98 1.04
C LEU A 8 -9.40 1.28 0.63
N GLY A 9 -9.60 2.44 0.19
CA GLY A 9 -10.87 2.88 -0.26
C GLY A 9 -10.97 4.36 -0.21
N CYS A 1 1.25 -3.15 -4.95
CA CYS A 1 1.09 -1.82 -4.37
C CYS A 1 2.43 -1.14 -4.25
N TYR A 2 2.42 0.17 -4.10
CA TYR A 2 3.57 0.89 -3.86
C TYR A 2 3.83 0.75 -2.41
N ILE A 3 5.05 0.73 -2.09
CA ILE A 3 5.60 0.51 -0.73
C ILE A 3 4.79 1.18 0.39
N GLN A 4 4.54 2.40 0.18
CA GLN A 4 3.84 3.25 1.17
C GLN A 4 2.34 3.09 1.10
N ASN A 5 1.92 2.39 0.12
CA ASN A 5 0.49 2.16 -0.15
C ASN A 5 0.15 0.74 0.23
N CYS A 6 1.14 0.07 0.71
CA CYS A 6 1.02 -1.27 1.18
C CYS A 6 0.96 -1.22 2.68
N PRO A 7 0.03 -1.93 3.31
CA PRO A 7 0.03 -2.06 4.75
C PRO A 7 1.27 -2.83 5.16
N LEU A 8 2.22 -2.13 5.71
CA LEU A 8 3.49 -2.69 6.04
C LEU A 8 3.93 -2.07 7.31
N GLY A 9 3.46 -2.67 8.26
CA GLY A 9 3.69 -2.33 9.62
C GLY A 9 2.51 -2.75 10.42
N CYS A 1 0.88 -2.92 -4.47
CA CYS A 1 1.63 -1.71 -4.81
C CYS A 1 3.06 -1.87 -4.34
N TYR A 2 3.93 -0.93 -4.72
CA TYR A 2 5.31 -0.93 -4.24
C TYR A 2 5.50 0.19 -3.21
N ILE A 3 4.41 0.84 -2.89
CA ILE A 3 4.39 1.94 -1.99
C ILE A 3 3.80 1.41 -0.70
N GLN A 4 3.87 2.16 0.34
CA GLN A 4 3.46 1.70 1.67
C GLN A 4 2.17 2.36 2.15
N ASN A 5 1.51 3.04 1.27
CA ASN A 5 0.23 3.68 1.60
C ASN A 5 -0.84 3.20 0.64
N CYS A 6 -0.68 1.96 0.23
CA CYS A 6 -1.57 1.31 -0.72
C CYS A 6 -2.75 0.65 0.01
N PRO A 7 -3.94 0.59 -0.63
CA PRO A 7 -5.09 -0.14 -0.09
C PRO A 7 -4.75 -1.62 0.15
N LEU A 8 -4.71 -2.01 1.42
CA LEU A 8 -4.37 -3.40 1.77
C LEU A 8 -5.54 -4.13 2.34
N GLY A 9 -6.63 -3.49 2.32
CA GLY A 9 -7.84 -4.04 2.84
C GLY A 9 -8.52 -3.07 3.73
N CYS A 1 1.16 -3.21 -4.50
CA CYS A 1 1.54 -1.82 -4.51
C CYS A 1 3.01 -1.71 -4.13
N TYR A 2 3.74 -0.79 -4.74
CA TYR A 2 5.16 -0.65 -4.44
C TYR A 2 5.37 0.36 -3.34
N ILE A 3 4.31 0.94 -2.91
CA ILE A 3 4.33 1.89 -1.87
C ILE A 3 3.56 1.41 -0.68
N GLN A 4 3.96 1.84 0.47
CA GLN A 4 3.36 1.44 1.74
C GLN A 4 2.13 2.24 2.04
N ASN A 5 1.76 3.09 1.12
CA ASN A 5 0.57 3.93 1.28
C ASN A 5 -0.64 3.16 0.77
N CYS A 6 -0.39 1.93 0.47
CA CYS A 6 -1.36 0.98 0.02
C CYS A 6 -1.77 0.16 1.24
N PRO A 7 -2.99 0.35 1.74
CA PRO A 7 -3.47 -0.33 2.93
C PRO A 7 -3.64 -1.84 2.71
N LEU A 8 -2.87 -2.61 3.44
CA LEU A 8 -2.96 -4.06 3.42
C LEU A 8 -3.51 -4.52 4.75
N GLY A 9 -3.56 -3.62 5.62
CA GLY A 9 -3.98 -3.80 6.96
C GLY A 9 -4.25 -2.48 7.61
N CYS A 1 1.04 -3.07 -5.93
CA CYS A 1 1.51 -1.84 -5.34
C CYS A 1 2.72 -2.11 -4.46
N TYR A 2 3.65 -1.16 -4.41
CA TYR A 2 4.84 -1.29 -3.61
C TYR A 2 5.08 -0.05 -2.76
N ILE A 3 4.11 0.83 -2.71
CA ILE A 3 4.20 2.00 -1.94
C ILE A 3 3.88 1.70 -0.50
N GLN A 4 4.17 2.63 0.33
CA GLN A 4 4.02 2.49 1.77
C GLN A 4 2.63 2.87 2.26
N ASN A 5 1.70 2.99 1.35
CA ASN A 5 0.34 3.35 1.66
C ASN A 5 -0.56 2.81 0.57
N CYS A 6 -0.72 1.54 0.58
CA CYS A 6 -1.57 0.86 -0.36
C CYS A 6 -2.65 0.09 0.39
N PRO A 7 -3.92 0.46 0.21
CA PRO A 7 -5.01 -0.22 0.86
C PRO A 7 -5.44 -1.49 0.10
N LEU A 8 -4.88 -2.62 0.49
CA LEU A 8 -5.23 -3.92 -0.13
C LEU A 8 -6.34 -4.59 0.65
N GLY A 9 -6.52 -4.08 1.79
CA GLY A 9 -7.48 -4.59 2.70
C GLY A 9 -7.12 -4.19 4.08
N CYS A 1 1.30 -3.44 -5.47
CA CYS A 1 0.99 -2.31 -4.62
C CYS A 1 2.16 -1.35 -4.64
N TYR A 2 2.13 -0.33 -3.82
CA TYR A 2 3.18 0.64 -3.76
C TYR A 2 4.06 0.27 -2.57
N ILE A 3 4.73 1.21 -2.02
CA ILE A 3 5.57 0.97 -0.84
C ILE A 3 4.83 1.31 0.41
N GLN A 4 4.64 2.56 0.55
CA GLN A 4 3.93 3.16 1.69
C GLN A 4 2.44 2.95 1.52
N ASN A 5 2.08 2.81 0.31
CA ASN A 5 0.73 2.56 -0.07
C ASN A 5 0.57 1.13 -0.42
N CYS A 6 0.92 0.36 0.53
CA CYS A 6 0.74 -1.06 0.50
C CYS A 6 0.60 -1.53 1.92
N PRO A 7 -0.63 -1.67 2.40
CA PRO A 7 -0.89 -2.12 3.75
C PRO A 7 -0.77 -3.64 3.87
N LEU A 8 -0.22 -4.10 4.97
CA LEU A 8 -0.01 -5.53 5.22
C LEU A 8 -1.15 -6.10 6.04
N GLY A 9 -2.04 -5.25 6.32
CA GLY A 9 -3.20 -5.53 7.10
C GLY A 9 -4.11 -4.35 6.99
N CYS A 1 1.11 -3.22 -4.92
CA CYS A 1 1.53 -1.87 -4.59
C CYS A 1 2.98 -1.87 -4.17
N TYR A 2 3.73 -0.86 -4.60
CA TYR A 2 5.13 -0.77 -4.24
C TYR A 2 5.30 0.39 -3.25
N ILE A 3 4.17 0.92 -2.86
CA ILE A 3 4.10 1.99 -1.94
C ILE A 3 3.55 1.45 -0.65
N GLN A 4 4.00 2.00 0.43
CA GLN A 4 3.56 1.57 1.76
C GLN A 4 2.23 2.24 2.09
N ASN A 5 1.85 3.13 1.23
CA ASN A 5 0.60 3.89 1.33
C ASN A 5 -0.52 3.14 0.64
N CYS A 6 -0.33 1.88 0.43
CA CYS A 6 -1.34 1.06 -0.19
C CYS A 6 -2.31 0.59 0.89
N PRO A 7 -3.61 0.89 0.74
CA PRO A 7 -4.62 0.48 1.71
C PRO A 7 -4.75 -1.04 1.78
N LEU A 8 -4.83 -1.57 2.99
CA LEU A 8 -4.97 -3.02 3.20
C LEU A 8 -6.42 -3.42 3.29
N GLY A 9 -7.22 -2.44 3.27
CA GLY A 9 -8.63 -2.62 3.40
C GLY A 9 -9.29 -1.29 3.50
N CYS A 1 1.05 -3.15 -4.11
CA CYS A 1 1.54 -1.82 -4.42
C CYS A 1 3.04 -1.75 -4.15
N TYR A 2 3.71 -0.76 -4.71
CA TYR A 2 5.14 -0.58 -4.47
C TYR A 2 5.38 0.50 -3.43
N ILE A 3 4.30 0.96 -2.86
CA ILE A 3 4.27 1.96 -1.86
C ILE A 3 3.57 1.38 -0.67
N GLN A 4 3.93 1.82 0.49
CA GLN A 4 3.35 1.32 1.74
C GLN A 4 2.03 2.03 2.01
N ASN A 5 1.80 3.04 1.24
CA ASN A 5 0.59 3.84 1.28
C ASN A 5 -0.35 3.34 0.20
N CYS A 6 -0.30 2.04 0.02
CA CYS A 6 -1.07 1.30 -0.96
C CYS A 6 -2.57 1.59 -0.80
N PRO A 7 -3.24 2.03 -1.89
CA PRO A 7 -4.68 2.27 -1.87
C PRO A 7 -5.43 0.96 -1.63
N LEU A 8 -5.88 0.78 -0.42
CA LEU A 8 -6.56 -0.47 -0.04
C LEU A 8 -8.04 -0.25 0.02
N GLY A 9 -8.40 0.93 -0.13
CA GLY A 9 -9.75 1.34 -0.07
C GLY A 9 -9.81 2.76 0.32
N CYS A 1 1.19 -3.41 -5.08
CA CYS A 1 1.53 -2.01 -4.98
C CYS A 1 2.89 -1.87 -4.33
N TYR A 2 3.71 -1.02 -4.86
CA TYR A 2 5.05 -0.82 -4.34
C TYR A 2 5.10 0.51 -3.59
N ILE A 3 4.22 0.64 -2.61
CA ILE A 3 4.08 1.85 -1.85
C ILE A 3 3.88 1.40 -0.42
N GLN A 4 4.00 2.30 0.49
CA GLN A 4 3.76 2.01 1.90
C GLN A 4 2.41 2.59 2.30
N ASN A 5 1.74 3.13 1.31
CA ASN A 5 0.45 3.80 1.49
C ASN A 5 -0.65 3.03 0.83
N CYS A 6 -0.45 1.75 0.65
CA CYS A 6 -1.46 0.91 0.06
C CYS A 6 -2.66 0.86 0.97
N PRO A 7 -3.87 1.14 0.43
CA PRO A 7 -5.12 1.18 1.20
C PRO A 7 -5.36 -0.05 2.06
N LEU A 8 -5.13 0.10 3.33
CA LEU A 8 -5.37 -0.96 4.29
C LEU A 8 -6.66 -0.66 5.01
N GLY A 9 -7.20 0.43 4.63
CA GLY A 9 -8.41 0.93 5.16
C GLY A 9 -8.81 2.16 4.43
N CYS A 1 1.33 -3.13 -3.53
CA CYS A 1 1.64 -1.93 -4.30
C CYS A 1 3.11 -1.63 -4.12
N TYR A 2 3.63 -0.60 -4.81
CA TYR A 2 5.04 -0.28 -4.69
C TYR A 2 5.32 0.37 -3.35
N ILE A 3 4.44 1.19 -2.97
CA ILE A 3 4.52 1.87 -1.76
C ILE A 3 3.42 1.36 -0.86
N GLN A 4 3.72 1.30 0.39
CA GLN A 4 2.80 0.78 1.41
C GLN A 4 1.79 1.84 1.86
N ASN A 5 1.83 2.96 1.19
CA ASN A 5 0.91 4.06 1.44
C ASN A 5 -0.18 3.97 0.37
N CYS A 6 -0.31 2.80 -0.20
CA CYS A 6 -1.28 2.51 -1.22
C CYS A 6 -2.58 2.08 -0.55
N PRO A 7 -3.70 2.78 -0.84
CA PRO A 7 -4.98 2.47 -0.21
C PRO A 7 -5.53 1.12 -0.66
N LEU A 8 -5.39 0.13 0.19
CA LEU A 8 -5.94 -1.19 -0.10
C LEU A 8 -7.13 -1.45 0.78
N GLY A 9 -7.42 -0.48 1.55
CA GLY A 9 -8.52 -0.49 2.46
C GLY A 9 -8.07 -0.05 3.82
#